data_5TD5
#
_entry.id   5TD5
#
_cell.length_a   96.411
_cell.length_b   96.411
_cell.length_c   84.875
_cell.angle_alpha   90.00
_cell.angle_beta   90.00
_cell.angle_gamma   120.00
#
_symmetry.space_group_name_H-M   'P 64 2 2'
#
loop_
_entity.id
_entity.type
_entity.pdbx_description
1 polymer 'DNA dC->dU-editing enzyme APOBEC-3B'
2 polymer "DNA (5'-D(P*TP*TP*CP*AP*T)-3')"
3 non-polymer 'ZINC ION'
4 non-polymer 'IODIDE ION'
5 non-polymer 1,2-ETHANEDIOL
6 non-polymer 'CHLORIDE ION'
7 water water
#
loop_
_entity_poly.entity_id
_entity_poly.type
_entity_poly.pdbx_seq_one_letter_code
_entity_poly.pdbx_strand_id
1 'polypeptide(L)'
;MEILRYLMDPDTFTSNFNNGIGRHKTYLCYEVERLDNGTSVKMDQHMGFLCNESGRHAALRFLDLVPSLQLDPAQIYRVT
WFISWSPCFSWGCAGEVRAFLQENTHVRLRIKAARIYDYDPLYKEALQMLRDAGAQVSIMTYDEFEYCWDTFVYRQGCPF
QPWDGLEEHSQALSGRLRAILQLEHHHHHH
;
A
2 'polydeoxyribonucleotide' (DT)(DT)(DT)(DT)(DC)(DA)(DT) C
#
# COMPACT_ATOMS: atom_id res chain seq x y z
N ARG A 5 -12.50 -15.21 4.08
CA ARG A 5 -12.51 -13.77 3.86
C ARG A 5 -13.44 -13.40 2.70
N TYR A 6 -13.20 -12.24 2.09
CA TYR A 6 -14.01 -11.80 0.96
C TYR A 6 -13.14 -10.92 0.07
N LEU A 7 -13.69 -10.58 -1.10
CA LEU A 7 -12.91 -9.98 -2.17
C LEU A 7 -13.56 -8.69 -2.65
N MET A 8 -12.72 -7.82 -3.19
CA MET A 8 -13.15 -6.49 -3.61
C MET A 8 -13.99 -6.55 -4.89
N ASP A 9 -14.98 -5.66 -4.97
CA ASP A 9 -15.78 -5.53 -6.18
C ASP A 9 -14.91 -5.08 -7.34
N PRO A 10 -14.96 -5.73 -8.50
CA PRO A 10 -14.05 -5.36 -9.59
C PRO A 10 -14.16 -3.91 -10.01
N ASP A 11 -15.36 -3.34 -10.04
CA ASP A 11 -15.50 -1.93 -10.42
C ASP A 11 -14.81 -1.03 -9.40
N THR A 12 -14.92 -1.36 -8.12
CA THR A 12 -14.24 -0.57 -7.09
C THR A 12 -12.73 -0.62 -7.28
N PHE A 13 -12.19 -1.80 -7.62
CA PHE A 13 -10.75 -1.90 -7.85
C PHE A 13 -10.33 -1.04 -9.04
N THR A 14 -11.05 -1.17 -10.15
CA THR A 14 -10.61 -0.52 -11.38
C THR A 14 -10.74 1.00 -11.27
N SER A 15 -11.79 1.49 -10.61
CA SER A 15 -11.98 2.93 -10.50
C SER A 15 -11.09 3.56 -9.44
N ASN A 16 -10.57 2.78 -8.49
CA ASN A 16 -9.71 3.33 -7.46
C ASN A 16 -8.22 3.07 -7.68
N PHE A 17 -7.84 2.05 -8.44
CA PHE A 17 -6.42 1.78 -8.64
C PHE A 17 -5.91 2.20 -10.01
N ASN A 18 -6.76 2.75 -10.87
CA ASN A 18 -6.30 3.35 -12.12
C ASN A 18 -5.30 4.47 -11.82
N ASN A 19 -4.05 4.29 -12.27
CA ASN A 19 -2.99 5.23 -11.92
C ASN A 19 -2.99 6.48 -12.79
N GLY A 20 -4.02 6.67 -13.61
CA GLY A 20 -4.14 7.88 -14.40
C GLY A 20 -5.30 8.78 -14.01
N ILE A 21 -6.19 8.31 -13.13
CA ILE A 21 -7.33 9.11 -12.71
C ILE A 21 -7.49 8.97 -11.20
N GLY A 22 -7.67 10.11 -10.53
CA GLY A 22 -7.88 10.10 -9.11
C GLY A 22 -9.32 9.89 -8.71
N ARG A 23 -9.50 9.52 -7.46
CA ARG A 23 -10.81 9.42 -6.84
C ARG A 23 -10.74 10.05 -5.47
N HIS A 24 -11.88 10.57 -5.00
CA HIS A 24 -11.98 11.13 -3.66
C HIS A 24 -12.11 10.06 -2.59
N LYS A 25 -11.31 9.00 -2.71
CA LYS A 25 -11.32 7.85 -1.81
C LYS A 25 -9.93 7.23 -1.86
N THR A 26 -9.61 6.41 -0.85
CA THR A 26 -8.38 5.64 -0.85
C THR A 26 -8.68 4.21 -0.41
N TYR A 27 -8.20 3.25 -1.19
CA TYR A 27 -8.27 1.84 -0.84
C TYR A 27 -6.87 1.31 -0.58
N LEU A 28 -6.80 0.33 0.31
CA LEU A 28 -5.53 -0.23 0.75
C LEU A 28 -5.71 -1.73 0.86
N CYS A 29 -5.01 -2.48 0.01
CA CYS A 29 -4.94 -3.93 0.10
C CYS A 29 -3.66 -4.28 0.84
N TYR A 30 -3.73 -5.24 1.75
CA TYR A 30 -2.57 -5.56 2.57
C TYR A 30 -2.36 -7.05 2.69
N GLU A 31 -1.10 -7.42 2.92
CA GLU A 31 -0.75 -8.79 3.27
C GLU A 31 0.46 -8.76 4.18
N VAL A 32 0.60 -9.81 4.98
CA VAL A 32 1.69 -9.94 5.95
C VAL A 32 2.40 -11.26 5.68
N GLU A 33 3.71 -11.19 5.59
CA GLU A 33 4.53 -12.32 5.18
C GLU A 33 5.66 -12.51 6.17
N ARG A 34 6.11 -13.75 6.31
CA ARG A 34 7.23 -14.07 7.18
C ARG A 34 8.15 -15.05 6.46
N LEU A 35 9.45 -14.82 6.58
CA LEU A 35 10.45 -15.67 5.96
C LEU A 35 11.03 -16.62 7.01
N ASP A 36 10.85 -17.92 6.78
CA ASP A 36 11.25 -18.94 7.75
C ASP A 36 12.11 -19.97 7.02
N ASN A 37 13.33 -20.17 7.50
CA ASN A 37 14.31 -21.03 6.83
C ASN A 37 14.26 -20.85 5.32
N GLY A 38 14.08 -19.61 4.88
CA GLY A 38 14.04 -19.31 3.45
C GLY A 38 12.77 -19.77 2.75
N THR A 39 11.61 -19.58 3.39
CA THR A 39 10.33 -19.89 2.76
C THR A 39 9.33 -18.78 3.10
N SER A 40 8.40 -18.55 2.19
CA SER A 40 7.40 -17.48 2.33
C SER A 40 6.16 -18.03 3.02
N VAL A 41 5.91 -17.60 4.25
CA VAL A 41 4.68 -17.93 4.96
C VAL A 41 3.77 -16.71 4.91
N LYS A 42 2.64 -16.85 4.22
CA LYS A 42 1.67 -15.77 4.03
C LYS A 42 0.30 -16.33 4.40
N MET A 43 -0.17 -16.00 5.60
CA MET A 43 -1.43 -16.52 6.10
C MET A 43 -2.60 -15.82 5.41
N ASP A 44 -3.66 -16.59 5.13
CA ASP A 44 -4.87 -16.01 4.56
C ASP A 44 -5.51 -15.02 5.53
N GLN A 45 -5.42 -15.29 6.83
CA GLN A 45 -5.98 -14.42 7.85
C GLN A 45 -5.26 -13.08 7.95
N HIS A 46 -4.07 -12.96 7.35
CA HIS A 46 -3.28 -11.73 7.37
C HIS A 46 -3.44 -10.92 6.09
N MET A 47 -4.48 -11.17 5.30
N MET A 47 -4.45 -11.22 5.27
CA MET A 47 -4.69 -10.49 4.04
CA MET A 47 -4.71 -10.50 4.04
C MET A 47 -6.10 -9.92 4.00
C MET A 47 -6.07 -9.84 4.13
N GLY A 48 -6.22 -8.72 3.44
CA GLY A 48 -7.51 -8.07 3.35
C GLY A 48 -7.37 -6.74 2.63
N PHE A 49 -8.44 -5.95 2.71
CA PHE A 49 -8.41 -4.61 2.15
C PHE A 49 -9.35 -3.74 2.97
N LEU A 50 -9.14 -2.43 2.87
CA LEU A 50 -9.98 -1.48 3.57
C LEU A 50 -9.96 -0.16 2.80
N CYS A 51 -10.82 0.77 3.21
CA CYS A 51 -10.85 2.09 2.63
C CYS A 51 -10.81 3.14 3.74
N ASN A 52 -10.55 4.38 3.34
CA ASN A 52 -10.59 5.50 4.27
C ASN A 52 -12.00 5.73 4.78
N GLU A 53 -12.09 6.39 5.94
CA GLU A 53 -13.37 6.82 6.49
C GLU A 53 -13.28 8.30 6.84
N SER A 54 -14.42 8.89 7.19
CA SER A 54 -14.45 10.31 7.48
C SER A 54 -13.47 10.63 8.60
N GLY A 55 -12.48 11.47 8.31
CA GLY A 55 -11.53 11.86 9.33
C GLY A 55 -10.49 10.82 9.68
N ARG A 56 -10.41 9.70 8.96
CA ARG A 56 -9.37 8.71 9.22
C ARG A 56 -8.92 8.10 7.91
N HIS A 57 -7.70 8.42 7.50
CA HIS A 57 -7.16 7.91 6.26
C HIS A 57 -6.87 6.41 6.37
N ALA A 58 -6.73 5.78 5.19
CA ALA A 58 -6.64 4.33 5.12
C ALA A 58 -5.45 3.78 5.89
N ALA A 59 -4.29 4.44 5.77
CA ALA A 59 -3.10 3.99 6.47
C ALA A 59 -3.34 3.89 7.96
N LEU A 60 -4.07 4.84 8.53
CA LEU A 60 -4.31 4.82 9.97
C LEU A 60 -5.31 3.73 10.34
N ARG A 61 -6.24 3.41 9.44
CA ARG A 61 -7.15 2.30 9.71
C ARG A 61 -6.42 0.97 9.66
N PHE A 62 -5.36 0.86 8.86
CA PHE A 62 -4.54 -0.34 8.96
C PHE A 62 -3.84 -0.41 10.30
N LEU A 63 -3.23 0.70 10.75
CA LEU A 63 -2.62 0.72 12.08
C LEU A 63 -3.64 0.27 13.13
N ASP A 64 -4.90 0.69 12.99
CA ASP A 64 -5.93 0.33 13.97
C ASP A 64 -6.11 -1.17 14.09
N LEU A 65 -5.87 -1.93 13.02
CA LEU A 65 -6.15 -3.36 13.03
C LEU A 65 -4.93 -4.23 13.33
N VAL A 66 -3.75 -3.64 13.56
CA VAL A 66 -2.56 -4.46 13.78
C VAL A 66 -2.69 -5.36 15.00
N PRO A 67 -3.23 -4.91 16.15
CA PRO A 67 -3.39 -5.84 17.27
C PRO A 67 -4.13 -7.10 16.89
N SER A 68 -5.18 -6.98 16.08
CA SER A 68 -5.94 -8.15 15.67
C SER A 68 -5.11 -9.14 14.86
N LEU A 69 -4.02 -8.69 14.22
CA LEU A 69 -3.17 -9.61 13.47
C LEU A 69 -2.37 -10.53 14.39
N GLN A 70 -2.20 -10.17 15.66
CA GLN A 70 -1.48 -10.99 16.63
C GLN A 70 -0.09 -11.35 16.14
N LEU A 71 0.70 -10.35 15.76
CA LEU A 71 2.08 -10.59 15.38
C LEU A 71 2.93 -10.89 16.61
N ASP A 72 3.98 -11.68 16.41
CA ASP A 72 4.87 -12.10 17.49
C ASP A 72 6.17 -11.30 17.43
N PRO A 73 6.54 -10.56 18.48
CA PRO A 73 7.75 -9.72 18.39
C PRO A 73 9.05 -10.50 18.23
N ALA A 74 9.04 -11.81 18.49
CA ALA A 74 10.21 -12.63 18.29
C ALA A 74 10.52 -12.88 16.81
N GLN A 75 9.60 -12.50 15.92
CA GLN A 75 9.73 -12.74 14.49
C GLN A 75 9.71 -11.41 13.74
N ILE A 76 10.35 -11.39 12.58
CA ILE A 76 10.28 -10.25 11.66
C ILE A 76 9.17 -10.52 10.66
N TYR A 77 8.27 -9.55 10.49
CA TYR A 77 7.20 -9.65 9.51
C TYR A 77 7.39 -8.58 8.46
N ARG A 78 7.15 -8.96 7.20
CA ARG A 78 7.11 -8.00 6.09
C ARG A 78 5.64 -7.73 5.76
N VAL A 79 5.22 -6.49 6.00
CA VAL A 79 3.86 -6.04 5.69
C VAL A 79 3.92 -5.26 4.38
N THR A 80 3.03 -5.60 3.45
CA THR A 80 2.94 -4.91 2.18
C THR A 80 1.58 -4.24 2.07
N TRP A 81 1.59 -2.96 1.72
CA TRP A 81 0.39 -2.22 1.36
C TRP A 81 0.39 -1.96 -0.13
N PHE A 82 -0.71 -2.29 -0.79
CA PHE A 82 -1.03 -1.79 -2.12
C PHE A 82 -2.09 -0.70 -1.93
N ILE A 83 -1.67 0.57 -2.07
CA ILE A 83 -2.45 1.70 -1.59
C ILE A 83 -2.73 2.62 -2.78
N SER A 84 -3.99 3.02 -2.96
CA SER A 84 -4.33 3.74 -4.19
C SER A 84 -3.79 5.17 -4.20
N TRP A 85 -3.54 5.77 -3.03
CA TRP A 85 -2.86 7.06 -2.92
C TRP A 85 -1.69 6.94 -1.95
N SER A 86 -0.57 7.59 -2.27
CA SER A 86 0.56 7.57 -1.36
C SER A 86 0.18 8.25 -0.04
N PRO A 87 0.76 7.83 1.09
CA PRO A 87 0.37 8.42 2.37
C PRO A 87 0.65 9.92 2.42
N CYS A 88 -0.19 10.61 3.19
CA CYS A 88 -0.07 12.06 3.33
C CYS A 88 0.89 12.42 4.45
N PHE A 89 1.25 13.70 4.49
CA PHE A 89 1.99 14.31 5.58
C PHE A 89 1.15 15.24 6.43
N SER A 90 0.36 16.11 5.79
CA SER A 90 -0.25 17.24 6.48
C SER A 90 -1.36 16.85 7.45
N TRP A 91 -2.01 15.71 7.26
CA TRP A 91 -3.03 15.27 8.22
C TRP A 91 -2.46 14.30 9.25
N GLY A 92 -1.14 14.09 9.25
CA GLY A 92 -0.44 13.48 10.35
C GLY A 92 -0.07 12.03 10.15
N CYS A 93 -0.44 11.45 9.01
CA CYS A 93 -0.40 10.00 8.86
C CYS A 93 1.02 9.46 8.71
N ALA A 94 1.87 10.13 7.92
CA ALA A 94 3.27 9.70 7.83
C ALA A 94 3.92 9.70 9.21
N GLY A 95 3.62 10.70 10.03
CA GLY A 95 4.16 10.74 11.38
C GLY A 95 3.63 9.61 12.24
N GLU A 96 2.35 9.28 12.09
CA GLU A 96 1.77 8.18 12.84
C GLU A 96 2.37 6.84 12.41
N VAL A 97 2.57 6.65 11.11
CA VAL A 97 3.22 5.42 10.64
C VAL A 97 4.66 5.35 11.13
N ARG A 98 5.41 6.46 11.05
CA ARG A 98 6.77 6.47 11.56
C ARG A 98 6.79 6.03 13.02
N ALA A 99 5.92 6.62 13.83
CA ALA A 99 5.90 6.29 15.26
C ALA A 99 5.58 4.82 15.46
N PHE A 100 4.61 4.30 14.71
CA PHE A 100 4.28 2.89 14.80
C PHE A 100 5.49 2.02 14.48
N LEU A 101 6.21 2.35 13.42
CA LEU A 101 7.38 1.55 13.02
C LEU A 101 8.46 1.62 14.08
N GLN A 102 8.63 2.76 14.75
CA GLN A 102 9.66 2.85 15.78
C GLN A 102 9.29 2.03 17.01
N GLU A 103 8.00 1.93 17.30
CA GLU A 103 7.51 1.18 18.46
C GLU A 103 7.33 -0.31 18.17
N ASN A 104 7.36 -0.69 16.90
CA ASN A 104 7.15 -2.08 16.48
C ASN A 104 8.25 -2.43 15.49
N THR A 105 9.48 -2.61 16.01
CA THR A 105 10.61 -2.78 15.11
C THR A 105 10.63 -4.14 14.45
N HIS A 106 9.78 -5.06 14.89
CA HIS A 106 9.62 -6.35 14.22
C HIS A 106 8.77 -6.25 12.96
N VAL A 107 8.14 -5.10 12.71
CA VAL A 107 7.32 -4.89 11.52
C VAL A 107 8.14 -4.12 10.50
N ARG A 108 8.23 -4.67 9.29
CA ARG A 108 8.91 -4.05 8.17
C ARG A 108 7.87 -3.81 7.09
N LEU A 109 7.73 -2.57 6.67
CA LEU A 109 6.62 -2.14 5.83
C LEU A 109 7.09 -1.83 4.42
N ARG A 110 6.36 -2.35 3.43
CA ARG A 110 6.51 -1.98 2.03
C ARG A 110 5.24 -1.26 1.61
N ILE A 111 5.38 -0.03 1.12
CA ILE A 111 4.26 0.77 0.67
C ILE A 111 4.37 0.89 -0.84
N LYS A 112 3.43 0.29 -1.54
CA LYS A 112 3.35 0.31 -3.00
C LYS A 112 2.14 1.13 -3.39
N ALA A 113 2.38 2.34 -3.90
CA ALA A 113 1.32 3.29 -4.20
C ALA A 113 1.00 3.27 -5.68
N ALA A 114 -0.31 3.26 -6.00
CA ALA A 114 -0.75 3.40 -7.39
C ALA A 114 -0.54 4.82 -7.91
N ARG A 115 -0.77 5.82 -7.06
CA ARG A 115 -0.67 7.23 -7.41
C ARG A 115 0.04 7.99 -6.28
N ILE A 116 0.58 9.16 -6.62
CA ILE A 116 1.21 10.05 -5.65
C ILE A 116 0.21 11.13 -5.26
N TYR A 117 -0.01 11.28 -3.96
CA TYR A 117 -1.05 12.18 -3.43
C TYR A 117 -0.47 13.60 -3.29
N ASP A 118 -0.18 14.22 -4.44
CA ASP A 118 0.43 15.54 -4.38
C ASP A 118 -0.58 16.66 -4.22
N TYR A 119 -1.86 16.33 -3.99
CA TYR A 119 -2.78 17.30 -3.41
C TYR A 119 -2.23 17.82 -2.10
N ASP A 120 -1.59 16.95 -1.33
CA ASP A 120 -0.90 17.37 -0.13
C ASP A 120 0.37 18.12 -0.54
N PRO A 121 0.47 19.43 -0.28
CA PRO A 121 1.68 20.14 -0.70
C PRO A 121 2.95 19.57 -0.09
N LEU A 122 2.84 18.81 1.00
CA LEU A 122 3.98 18.19 1.67
C LEU A 122 4.10 16.71 1.33
N TYR A 123 3.62 16.30 0.15
CA TYR A 123 3.68 14.89 -0.25
C TYR A 123 5.10 14.36 -0.29
N LYS A 124 6.08 15.20 -0.64
CA LYS A 124 7.47 14.72 -0.68
C LYS A 124 7.98 14.42 0.71
N GLU A 125 7.64 15.27 1.68
CA GLU A 125 8.05 15.07 3.05
C GLU A 125 7.46 13.78 3.63
N ALA A 126 6.23 13.43 3.25
CA ALA A 126 5.66 12.15 3.69
C ALA A 126 6.50 10.99 3.21
N LEU A 127 6.85 10.98 1.92
CA LEU A 127 7.59 9.87 1.36
C LEU A 127 8.98 9.76 1.97
N GLN A 128 9.65 10.90 2.15
CA GLN A 128 10.97 10.90 2.76
C GLN A 128 10.92 10.44 4.20
N MET A 129 9.88 10.84 4.95
CA MET A 129 9.79 10.42 6.35
C MET A 129 9.57 8.93 6.46
N LEU A 130 8.71 8.38 5.60
CA LEU A 130 8.47 6.93 5.59
C LEU A 130 9.74 6.19 5.23
N ARG A 131 10.46 6.68 4.22
CA ARG A 131 11.75 6.08 3.89
C ARG A 131 12.70 6.15 5.09
N ASP A 132 12.75 7.31 5.74
CA ASP A 132 13.66 7.48 6.87
C ASP A 132 13.28 6.58 8.03
N ALA A 133 12.01 6.19 8.13
CA ALA A 133 11.53 5.32 9.18
C ALA A 133 11.77 3.84 8.91
N GLY A 134 12.38 3.51 7.77
CA GLY A 134 12.67 2.13 7.43
C GLY A 134 11.73 1.50 6.43
N ALA A 135 10.68 2.21 6.00
CA ALA A 135 9.74 1.65 5.05
C ALA A 135 10.35 1.68 3.65
N GLN A 136 9.99 0.68 2.85
CA GLN A 136 10.35 0.65 1.44
C GLN A 136 9.17 1.15 0.62
N VAL A 137 9.33 2.33 0.04
CA VAL A 137 8.26 3.01 -0.68
C VAL A 137 8.51 2.83 -2.17
N SER A 138 7.47 2.42 -2.90
CA SER A 138 7.59 2.22 -4.33
C SER A 138 6.26 2.52 -5.00
N ILE A 139 6.29 2.55 -6.33
CA ILE A 139 5.12 2.77 -7.17
C ILE A 139 4.68 1.45 -7.76
N MET A 140 3.37 1.19 -7.72
CA MET A 140 2.84 -0.06 -8.25
C MET A 140 3.14 -0.17 -9.74
N THR A 141 3.59 -1.36 -10.14
CA THR A 141 3.86 -1.73 -11.53
C THR A 141 2.70 -2.56 -12.11
N TYR A 142 2.80 -2.81 -13.42
CA TYR A 142 1.83 -3.69 -14.08
C TYR A 142 1.65 -4.99 -13.30
N ASP A 143 2.76 -5.65 -12.95
CA ASP A 143 2.70 -6.93 -12.26
C ASP A 143 1.98 -6.81 -10.92
N GLU A 144 2.19 -5.69 -10.22
CA GLU A 144 1.56 -5.54 -8.92
C GLU A 144 0.07 -5.24 -9.04
N PHE A 145 -0.34 -4.51 -10.09
CA PHE A 145 -1.77 -4.38 -10.34
C PHE A 145 -2.37 -5.75 -10.65
N GLU A 146 -1.69 -6.52 -11.50
CA GLU A 146 -2.22 -7.85 -11.84
C GLU A 146 -2.27 -8.74 -10.60
N TYR A 147 -1.21 -8.71 -9.78
CA TYR A 147 -1.22 -9.47 -8.54
C TYR A 147 -2.41 -9.08 -7.66
N CYS A 148 -2.68 -7.79 -7.52
CA CYS A 148 -3.80 -7.38 -6.69
C CYS A 148 -5.13 -7.82 -7.29
N TRP A 149 -5.29 -7.67 -8.60
CA TRP A 149 -6.48 -8.18 -9.28
C TRP A 149 -6.67 -9.66 -8.98
N ASP A 150 -5.60 -10.45 -9.12
CA ASP A 150 -5.69 -11.90 -8.92
C ASP A 150 -5.90 -12.27 -7.46
N THR A 151 -5.43 -11.44 -6.52
CA THR A 151 -5.36 -11.84 -5.12
C THR A 151 -6.51 -11.27 -4.29
N PHE A 152 -6.94 -10.04 -4.54
CA PHE A 152 -7.87 -9.34 -3.66
C PHE A 152 -9.24 -9.08 -4.27
N VAL A 153 -9.43 -9.32 -5.58
CA VAL A 153 -10.62 -8.86 -6.29
C VAL A 153 -11.52 -10.05 -6.63
N TYR A 154 -12.82 -9.86 -6.46
CA TYR A 154 -13.84 -10.86 -6.79
C TYR A 154 -14.00 -10.86 -8.31
N ARG A 155 -13.04 -11.50 -8.98
CA ARG A 155 -12.94 -11.44 -10.43
C ARG A 155 -13.66 -12.58 -11.13
N GLN A 156 -13.88 -13.70 -10.45
CA GLN A 156 -14.60 -14.84 -11.02
C GLN A 156 -13.89 -15.36 -12.27
N GLY A 157 -12.62 -15.71 -12.10
CA GLY A 157 -11.84 -16.31 -13.17
C GLY A 157 -11.48 -15.38 -14.31
N CYS A 158 -11.90 -14.11 -14.26
CA CYS A 158 -11.58 -13.16 -15.33
C CYS A 158 -10.16 -12.64 -15.15
N PRO A 159 -9.34 -12.62 -16.20
CA PRO A 159 -7.96 -12.15 -16.04
C PRO A 159 -7.88 -10.63 -16.02
N PHE A 160 -6.75 -10.15 -15.49
CA PHE A 160 -6.52 -8.71 -15.36
C PHE A 160 -6.54 -8.05 -16.74
N GLN A 161 -7.31 -6.98 -16.86
CA GLN A 161 -7.37 -6.21 -18.10
C GLN A 161 -6.78 -4.82 -17.86
N PRO A 162 -5.55 -4.57 -18.28
CA PRO A 162 -4.93 -3.26 -18.02
C PRO A 162 -5.64 -2.13 -18.73
N TRP A 163 -5.69 -0.98 -18.06
CA TRP A 163 -6.18 0.24 -18.66
C TRP A 163 -5.10 0.86 -19.55
N ASP A 164 -5.54 1.61 -20.55
CA ASP A 164 -4.58 2.32 -21.40
C ASP A 164 -3.75 3.27 -20.55
N GLY A 165 -2.45 3.35 -20.87
CA GLY A 165 -1.56 4.25 -20.17
C GLY A 165 -1.00 3.72 -18.87
N LEU A 166 -1.39 2.52 -18.44
CA LEU A 166 -0.93 2.00 -17.15
C LEU A 166 0.58 2.10 -17.03
N GLU A 167 1.30 1.60 -18.03
N GLU A 167 1.30 1.62 -18.04
CA GLU A 167 2.75 1.55 -17.97
CA GLU A 167 2.77 1.55 -17.94
C GLU A 167 3.36 2.94 -17.99
C GLU A 167 3.39 2.94 -18.01
N GLU A 168 2.86 3.81 -18.87
CA GLU A 168 3.36 5.18 -18.94
C GLU A 168 3.22 5.89 -17.60
N HIS A 169 2.05 5.79 -16.98
CA HIS A 169 1.82 6.40 -15.67
C HIS A 169 2.71 5.79 -14.60
N SER A 170 2.79 4.45 -14.58
CA SER A 170 3.56 3.79 -13.54
C SER A 170 5.03 4.19 -13.61
N GLN A 171 5.60 4.16 -14.82
CA GLN A 171 7.02 4.47 -14.95
C GLN A 171 7.28 5.96 -14.74
N ALA A 172 6.33 6.83 -15.06
CA ALA A 172 6.49 8.24 -14.77
C ALA A 172 6.51 8.48 -13.26
N LEU A 173 5.54 7.91 -12.55
CA LEU A 173 5.49 8.04 -11.10
C LEU A 173 6.72 7.43 -10.44
N SER A 174 7.21 6.32 -10.99
CA SER A 174 8.41 5.71 -10.40
C SER A 174 9.60 6.65 -10.54
N GLY A 175 9.73 7.31 -11.70
CA GLY A 175 10.81 8.28 -11.87
C GLY A 175 10.67 9.44 -10.90
N ARG A 176 9.45 9.95 -10.77
CA ARG A 176 9.16 10.98 -9.78
C ARG A 176 9.63 10.58 -8.40
N LEU A 177 9.28 9.36 -7.99
CA LEU A 177 9.60 8.90 -6.65
C LEU A 177 11.11 8.76 -6.45
N ARG A 178 11.81 8.27 -7.48
CA ARG A 178 13.27 8.20 -7.41
C ARG A 178 13.87 9.56 -7.08
N ALA A 179 13.42 10.60 -7.78
CA ALA A 179 13.97 11.93 -7.54
C ALA A 179 13.62 12.43 -6.15
N ILE A 180 12.41 12.12 -5.69
CA ILE A 180 11.99 12.55 -4.35
C ILE A 180 12.86 11.90 -3.29
N LEU A 181 13.19 10.63 -3.47
CA LEU A 181 13.91 9.88 -2.44
C LEU A 181 15.42 9.96 -2.59
N GLN A 182 15.94 10.48 -3.70
CA GLN A 182 17.38 10.49 -3.92
C GLN A 182 18.06 11.44 -2.94
N LEU A 183 19.32 11.13 -2.63
CA LEU A 183 20.08 11.91 -1.66
C LEU A 183 21.37 12.46 -2.28
#